data_7SDM
#
_entry.id   7SDM
#
_cell.length_a   106.083
_cell.length_b   106.083
_cell.length_c   94.123
_cell.angle_alpha   90.000
_cell.angle_beta   90.000
_cell.angle_gamma   120.000
#
_symmetry.space_group_name_H-M   'H 3'
#
loop_
_entity.id
_entity.type
_entity.pdbx_description
1 polymer "DNA (5'-D(*GP*AP*GP*CP*AP*GP*CP*CP*TP*GP*TP*UP*TP*GP*GP*AP*CP*AP*TP*CP*A)-3')"
2 polymer "DNA (5'-D(P*CP*CP*AP*(IMC)P*AP*CP*A)-3')"
3 polymer "DNA (5'-D(P*GP*GP*CP*TP*GP*CP*T)-3')"
4 polymer "DNA (5'-D(P*CP*TP*GP*AP*TP*GP*T)-3')"
5 non-polymer 'SILVER ION'
#
loop_
_entity_poly.entity_id
_entity_poly.type
_entity_poly.pdbx_seq_one_letter_code
_entity_poly.pdbx_strand_id
1 'polydeoxyribonucleotide'
;(DG)(DA)(DG)(DC)(DA)(DG)(DC)(DC)(DT)(DG)(DT)(DU)(DT)(DG)(DG)(DA)(DC)(DA)(DT)(DC)
(DA)
;
A
2 'polydeoxyribonucleotide' (DC)(DC)(DA)(IMC)(DA)(DC)(DA) B
3 'polydeoxyribonucleotide' (DG)(DG)(DC)(DT)(DG)(DC)(DT) C
4 'polydeoxyribonucleotide' (DC)(DT)(DG)(DA)(DT)(DG)(DT) D
#